data_5R59
#
_entry.id   5R59
#
_cell.length_a   49.660
_cell.length_b   52.180
_cell.length_c   101.760
_cell.angle_alpha   90.000
_cell.angle_beta   90.000
_cell.angle_gamma   90.000
#
_symmetry.space_group_name_H-M   'P 21 21 21'
#
loop_
_entity.id
_entity.type
_entity.pdbx_description
1 polymer 'Uridine diphosphate glucose pyrophosphatase NUDT22'
2 non-polymer 'methyl 3-(methylsulfonylamino)benzoate'
3 non-polymer 'DIMETHYL SULFOXIDE'
4 water water
#
_entity_poly.entity_id   1
_entity_poly.type   'polypeptide(L)'
_entity_poly.pdbx_seq_one_letter_code
;SMDPEVTLLLQCPGGGLPQEQIQAELSPAHDRRPLPGGDEAITAIWETRLKAQPWLFDAPKFRLHSATLAPIGSRGPQLL
LRLGLTSYRDFLGTNWSSSAAWLRQQGATDWGDTQAYLADPLGVGAALATADDFLVFLRRSRQVAEAPGLVDVPGGHPEP
QALCPGGSPQHQDLAGQLVVHELFSSVLQEICDEVNLPLLTLSQPLLLGIARNETSAGRASAEFYVQCSLTSEQVRKHYL
SGGPEAHESTGIFFVETQNVRRLPETEMWAELCPSAKGAIILYNRVQGSPTGAALGSPALLPPL
;
_entity_poly.pdbx_strand_id   A
#
loop_
_chem_comp.id
_chem_comp.type
_chem_comp.name
_chem_comp.formula
6SU non-polymer 'methyl 3-(methylsulfonylamino)benzoate' 'C9 H11 N O4 S'
DMS non-polymer 'DIMETHYL SULFOXIDE' 'C2 H6 O S'
#
# COMPACT_ATOMS: atom_id res chain seq x y z
N ASP A 3 0.72 3.97 17.23
N ASP A 3 0.43 4.25 17.06
CA ASP A 3 1.72 3.48 16.24
CA ASP A 3 1.57 3.63 16.36
C ASP A 3 2.25 4.65 15.43
C ASP A 3 2.22 4.67 15.45
N PRO A 4 3.34 5.31 15.88
CA PRO A 4 3.85 6.48 15.16
C PRO A 4 4.37 6.24 13.74
N GLU A 5 4.57 5.00 13.28
CA GLU A 5 5.13 4.82 11.91
C GLU A 5 4.01 4.70 10.90
N VAL A 6 2.75 4.75 11.35
CA VAL A 6 1.61 4.74 10.38
C VAL A 6 0.48 5.68 10.84
N THR A 7 0.09 6.58 9.94
CA THR A 7 -1.10 7.47 10.03
C THR A 7 -2.07 7.12 8.90
N LEU A 8 -3.38 7.19 9.16
CA LEU A 8 -4.43 6.99 8.12
C LEU A 8 -4.71 8.31 7.43
N LEU A 9 -4.66 8.37 6.10
CA LEU A 9 -5.11 9.54 5.31
C LEU A 9 -6.57 9.35 4.90
N LEU A 10 -7.03 8.13 4.66
CA LEU A 10 -8.37 7.85 4.11
C LEU A 10 -8.89 6.52 4.67
N GLN A 11 -10.12 6.50 5.19
CA GLN A 11 -10.88 5.30 5.60
C GLN A 11 -12.17 5.25 4.76
N CYS A 12 -12.29 4.26 3.87
CA CYS A 12 -13.36 4.23 2.84
C CYS A 12 -14.68 3.83 3.51
N PRO A 13 -15.82 4.33 2.98
CA PRO A 13 -17.16 3.96 3.49
C PRO A 13 -17.75 2.67 2.92
N GLY A 14 -18.85 2.22 3.52
CA GLY A 14 -19.67 1.11 2.99
C GLY A 14 -18.89 -0.18 2.81
N GLY A 15 -17.92 -0.47 3.68
CA GLY A 15 -17.15 -1.72 3.62
C GLY A 15 -16.03 -1.70 2.57
N GLY A 16 -15.85 -0.59 1.86
CA GLY A 16 -14.74 -0.40 0.89
C GLY A 16 -15.27 -0.15 -0.52
N LEU A 17 -14.50 0.54 -1.37
CA LEU A 17 -15.01 1.10 -2.66
C LEU A 17 -14.56 0.24 -3.85
N PRO A 18 -15.51 -0.20 -4.71
CA PRO A 18 -15.13 -0.88 -5.96
C PRO A 18 -14.51 0.13 -6.94
N GLN A 19 -13.76 -0.37 -7.92
CA GLN A 19 -13.19 0.37 -9.09
C GLN A 19 -14.16 1.45 -9.60
N GLU A 20 -15.44 1.10 -9.77
CA GLU A 20 -16.43 1.88 -10.58
C GLU A 20 -16.83 3.16 -9.86
N GLN A 21 -16.54 3.29 -8.57
CA GLN A 21 -16.94 4.45 -7.73
C GLN A 21 -15.74 5.36 -7.45
N ILE A 22 -14.64 5.20 -8.21
CA ILE A 22 -13.39 6.01 -8.02
C ILE A 22 -13.03 6.72 -9.33
N GLN A 23 -12.73 8.01 -9.16
CA GLN A 23 -12.21 8.93 -10.20
C GLN A 23 -10.74 9.24 -9.88
N ALA A 24 -9.90 9.27 -10.89
CA ALA A 24 -8.54 9.84 -10.80
C ALA A 24 -8.40 11.03 -11.74
N GLU A 25 -7.61 12.01 -11.29
CA GLU A 25 -7.14 13.17 -12.05
C GLU A 25 -5.60 13.06 -12.07
N LEU A 26 -5.02 12.78 -13.24
CA LEU A 26 -3.56 12.66 -13.41
C LEU A 26 -3.06 13.96 -14.04
N SER A 27 -2.33 14.79 -13.30
CA SER A 27 -1.94 16.16 -13.73
C SER A 27 -0.52 16.51 -13.30
N PRO A 28 0.30 17.14 -14.18
CA PRO A 28 1.62 17.65 -13.77
C PRO A 28 1.51 18.64 -12.60
N ALA A 29 0.35 19.26 -12.37
CA ALA A 29 0.07 20.06 -11.15
C ALA A 29 0.28 19.20 -9.89
N HIS A 30 0.17 17.86 -9.98
CA HIS A 30 0.30 16.94 -8.81
C HIS A 30 1.74 16.39 -8.64
N ASP A 31 2.69 16.85 -9.46
CA ASP A 31 4.10 16.40 -9.41
C ASP A 31 4.78 16.95 -8.15
N ARG A 32 5.94 16.43 -7.79
CA ARG A 32 6.84 17.00 -6.76
C ARG A 32 7.30 18.40 -7.23
N ARG A 33 7.49 19.34 -6.29
CA ARG A 33 8.10 20.65 -6.62
C ARG A 33 9.61 20.47 -6.72
N PRO A 34 10.30 21.20 -7.64
CA PRO A 34 11.75 21.18 -7.72
C PRO A 34 12.36 21.54 -6.36
N LEU A 35 13.46 20.90 -5.98
CA LEU A 35 14.09 21.10 -4.65
C LEU A 35 14.59 22.55 -4.56
N PRO A 36 14.63 23.16 -3.36
CA PRO A 36 15.10 24.54 -3.20
C PRO A 36 16.40 24.95 -3.93
N GLY A 37 17.46 24.13 -3.82
CA GLY A 37 18.76 24.36 -4.48
C GLY A 37 18.78 23.73 -5.86
N GLY A 38 17.66 23.11 -6.26
CA GLY A 38 17.54 22.47 -7.59
C GLY A 38 17.72 20.97 -7.50
N ASP A 39 17.33 20.25 -8.54
CA ASP A 39 17.26 18.77 -8.55
C ASP A 39 18.66 18.14 -8.76
N GLU A 40 19.73 18.92 -8.94
CA GLU A 40 21.15 18.45 -9.01
C GLU A 40 21.49 17.48 -7.87
N ALA A 41 21.00 17.70 -6.65
CA ALA A 41 21.17 16.82 -5.47
C ALA A 41 20.65 15.40 -5.78
N ILE A 42 19.50 15.28 -6.44
CA ILE A 42 18.91 13.95 -6.79
C ILE A 42 19.87 13.27 -7.77
N THR A 43 20.35 14.02 -8.76
CA THR A 43 21.25 13.51 -9.83
C THR A 43 22.52 12.98 -9.17
N ALA A 44 23.07 13.71 -8.19
CA ALA A 44 24.32 13.35 -7.48
C ALA A 44 24.15 11.99 -6.78
N ILE A 45 23.08 11.84 -6.00
CA ILE A 45 22.78 10.59 -5.22
C ILE A 45 22.68 9.43 -6.22
N TRP A 46 22.00 9.65 -7.35
CA TRP A 46 21.75 8.63 -8.40
C TRP A 46 23.09 8.17 -9.02
N GLU A 47 23.94 9.12 -9.43
CA GLU A 47 25.28 8.80 -10.04
C GLU A 47 26.09 7.93 -9.07
N THR A 48 26.14 8.35 -7.80
CA THR A 48 26.90 7.65 -6.72
C THR A 48 26.39 6.21 -6.60
N ARG A 49 25.07 6.04 -6.63
CA ARG A 49 24.41 4.73 -6.49
C ARG A 49 24.77 3.84 -7.68
N LEU A 50 24.61 4.31 -8.93
CA LEU A 50 24.96 3.54 -10.16
C LEU A 50 26.46 3.20 -10.15
N LYS A 51 27.31 4.08 -9.64
CA LYS A 51 28.78 3.82 -9.64
C LYS A 51 29.11 2.66 -8.67
N ALA A 52 28.22 2.31 -7.75
CA ALA A 52 28.32 1.11 -6.88
C ALA A 52 27.54 -0.08 -7.49
N GLN A 53 26.42 0.18 -8.17
CA GLN A 53 25.44 -0.85 -8.60
C GLN A 53 25.01 -0.53 -10.04
N PRO A 54 25.90 -0.66 -11.05
CA PRO A 54 25.57 -0.23 -12.40
C PRO A 54 24.42 -1.00 -13.07
N TRP A 55 23.97 -2.12 -12.48
CA TRP A 55 22.81 -2.93 -12.99
C TRP A 55 21.45 -2.32 -12.63
N LEU A 56 21.38 -1.33 -11.73
CA LEU A 56 20.12 -0.62 -11.35
C LEU A 56 19.58 0.17 -12.55
N PHE A 57 18.26 0.28 -12.63
CA PHE A 57 17.53 1.07 -13.66
C PHE A 57 16.43 1.89 -12.96
N ASP A 58 16.09 3.02 -13.56
CA ASP A 58 15.04 3.93 -13.07
C ASP A 58 13.69 3.39 -13.56
N ALA A 59 12.60 3.78 -12.94
CA ALA A 59 11.23 3.35 -13.32
C ALA A 59 10.23 4.43 -12.92
N PRO A 60 9.20 4.69 -13.75
CA PRO A 60 8.15 5.64 -13.40
C PRO A 60 7.27 5.06 -12.27
N LYS A 61 6.72 5.95 -11.44
CA LYS A 61 5.75 5.60 -10.39
C LYS A 61 4.61 6.62 -10.44
N PHE A 62 3.45 6.27 -9.90
CA PHE A 62 2.34 7.19 -9.60
C PHE A 62 2.70 7.95 -8.31
N ARG A 63 2.45 9.25 -8.27
CA ARG A 63 2.63 10.08 -7.04
C ARG A 63 1.22 10.40 -6.52
N LEU A 64 0.97 10.18 -5.23
CA LEU A 64 -0.29 10.61 -4.59
C LEU A 64 -0.05 12.06 -4.20
N HIS A 65 -0.93 12.97 -4.64
CA HIS A 65 -0.95 14.37 -4.17
C HIS A 65 -2.01 14.48 -3.06
N SER A 66 -3.21 13.95 -3.31
CA SER A 66 -4.33 13.97 -2.33
C SER A 66 -5.48 13.09 -2.81
N ALA A 67 -6.42 12.86 -1.90
CA ALA A 67 -7.60 12.01 -2.09
C ALA A 67 -8.75 12.77 -1.43
N THR A 68 -9.89 12.94 -2.12
CA THR A 68 -11.07 13.65 -1.58
C THR A 68 -12.27 12.69 -1.63
N LEU A 69 -12.86 12.43 -0.46
CA LEU A 69 -14.04 11.57 -0.27
C LEU A 69 -15.33 12.42 -0.38
N ALA A 70 -16.34 11.88 -1.07
CA ALA A 70 -17.65 12.52 -1.26
C ALA A 70 -18.40 12.52 0.06
N PRO A 71 -19.48 13.33 0.22
CA PRO A 71 -20.34 13.21 1.40
C PRO A 71 -20.87 11.78 1.51
N ILE A 72 -20.90 11.22 2.71
CA ILE A 72 -21.26 9.78 2.90
C ILE A 72 -22.72 9.59 2.53
N GLY A 73 -23.04 8.44 1.91
CA GLY A 73 -24.38 8.03 1.51
C GLY A 73 -24.85 8.69 0.24
N SER A 74 -24.00 9.46 -0.45
CA SER A 74 -24.34 10.13 -1.74
C SER A 74 -24.35 9.14 -2.91
N ARG A 75 -24.96 9.53 -4.02
CA ARG A 75 -24.95 8.76 -5.30
C ARG A 75 -23.83 9.36 -6.14
N GLY A 76 -23.28 8.60 -7.09
CA GLY A 76 -22.20 9.04 -7.99
C GLY A 76 -20.84 8.63 -7.45
N PRO A 77 -19.74 9.05 -8.13
CA PRO A 77 -18.37 8.75 -7.67
C PRO A 77 -18.13 9.12 -6.21
N GLN A 78 -17.52 8.24 -5.44
CA GLN A 78 -17.39 8.43 -3.97
C GLN A 78 -15.98 8.94 -3.61
N LEU A 79 -15.03 8.87 -4.54
CA LEU A 79 -13.63 9.28 -4.23
C LEU A 79 -12.97 9.88 -5.48
N LEU A 80 -12.21 10.96 -5.28
CA LEU A 80 -11.31 11.54 -6.32
C LEU A 80 -9.89 11.36 -5.82
N LEU A 81 -9.04 10.69 -6.59
CA LEU A 81 -7.58 10.62 -6.33
C LEU A 81 -6.89 11.63 -7.23
N ARG A 82 -6.14 12.56 -6.65
CA ARG A 82 -5.28 13.50 -7.40
C ARG A 82 -3.86 12.92 -7.48
N LEU A 83 -3.41 12.65 -8.70
CA LEU A 83 -2.17 11.90 -9.00
C LEU A 83 -1.27 12.70 -9.98
N GLY A 84 0.03 12.63 -9.73
CA GLY A 84 1.10 13.01 -10.65
C GLY A 84 2.02 11.84 -10.92
N LEU A 85 3.23 12.10 -11.43
CA LEU A 85 4.23 11.07 -11.75
C LEU A 85 5.49 11.36 -10.94
N THR A 86 6.16 10.31 -10.48
CA THR A 86 7.52 10.36 -9.90
C THR A 86 8.33 9.22 -10.49
N SER A 87 9.41 8.82 -9.84
CA SER A 87 10.35 7.77 -10.32
C SER A 87 11.06 7.13 -9.12
N TYR A 88 11.64 5.95 -9.33
CA TYR A 88 12.56 5.29 -8.36
C TYR A 88 13.69 6.27 -7.96
N ARG A 89 14.28 6.93 -8.96
CA ARG A 89 15.42 7.85 -8.80
C ARG A 89 15.04 9.03 -7.87
N ASP A 90 13.88 9.66 -8.10
CA ASP A 90 13.43 10.83 -7.29
C ASP A 90 13.16 10.36 -5.85
N PHE A 91 12.65 9.14 -5.71
CA PHE A 91 12.41 8.47 -4.40
C PHE A 91 13.75 8.32 -3.65
N LEU A 92 14.77 7.75 -4.28
CA LEU A 92 16.09 7.52 -3.64
C LEU A 92 16.64 8.88 -3.19
N GLY A 93 16.40 9.92 -3.98
CA GLY A 93 16.94 11.28 -3.72
C GLY A 93 16.12 12.12 -2.75
N THR A 94 14.94 11.67 -2.27
CA THR A 94 14.08 12.50 -1.37
C THR A 94 13.63 11.66 -0.16
N ASN A 95 12.57 10.86 -0.29
CA ASN A 95 12.01 10.06 0.83
C ASN A 95 13.10 9.25 1.55
N TRP A 96 14.10 8.78 0.81
CA TRP A 96 15.14 7.82 1.31
C TRP A 96 16.45 8.57 1.58
N SER A 97 16.55 9.84 1.16
CA SER A 97 17.63 10.78 1.57
C SER A 97 17.71 10.92 3.10
N SER A 98 18.91 11.19 3.60
CA SER A 98 19.19 11.43 5.04
C SER A 98 18.52 12.73 5.50
N SER A 99 18.33 13.68 4.58
N SER A 99 18.32 13.67 4.56
CA SER A 99 17.77 15.04 4.85
CA SER A 99 17.78 15.04 4.78
C SER A 99 16.26 15.09 4.60
C SER A 99 16.26 15.09 4.60
N ALA A 100 15.57 13.94 4.59
CA ALA A 100 14.12 13.87 4.27
C ALA A 100 13.32 14.74 5.25
N ALA A 101 13.69 14.75 6.54
CA ALA A 101 13.00 15.52 7.61
C ALA A 101 13.16 17.01 7.34
N TRP A 102 14.33 17.45 6.86
CA TRP A 102 14.58 18.87 6.46
C TRP A 102 13.74 19.24 5.25
N LEU A 103 13.65 18.37 4.23
CA LEU A 103 12.84 18.63 3.01
C LEU A 103 11.37 18.83 3.39
N ARG A 104 10.85 18.02 4.31
CA ARG A 104 9.44 18.10 4.79
C ARG A 104 9.20 19.46 5.45
N GLN A 105 10.19 19.93 6.18
CA GLN A 105 10.03 21.21 6.88
C GLN A 105 10.09 22.42 5.93
N GLN A 106 11.04 22.44 4.97
N GLN A 106 11.03 22.42 4.97
CA GLN A 106 11.12 23.47 3.91
CA GLN A 106 11.15 23.43 3.90
C GLN A 106 9.81 23.46 3.12
C GLN A 106 9.86 23.45 3.08
N GLY A 107 9.19 22.30 2.95
CA GLY A 107 7.91 22.17 2.23
C GLY A 107 6.75 22.85 2.96
N ALA A 108 6.66 22.71 4.30
CA ALA A 108 5.67 23.43 5.14
C ALA A 108 5.83 24.94 4.95
N THR A 109 7.04 25.46 5.14
CA THR A 109 7.38 26.90 4.95
C THR A 109 6.93 27.38 3.56
N ASP A 110 7.52 26.81 2.51
CA ASP A 110 7.40 27.25 1.08
C ASP A 110 6.00 27.02 0.47
N TRP A 111 5.33 25.90 0.73
CA TRP A 111 4.12 25.47 0.00
C TRP A 111 2.97 25.11 0.96
N GLY A 112 3.17 25.27 2.27
CA GLY A 112 2.25 24.72 3.30
C GLY A 112 1.89 23.26 3.05
N ASP A 113 2.88 22.44 2.72
CA ASP A 113 2.71 20.99 2.38
C ASP A 113 4.02 20.26 2.72
N THR A 114 4.00 19.41 3.76
CA THR A 114 5.18 18.65 4.25
C THR A 114 5.71 17.73 3.14
N GLN A 115 4.87 17.41 2.13
CA GLN A 115 5.22 16.42 1.06
C GLN A 115 5.72 17.12 -0.23
N ALA A 116 5.68 18.45 -0.33
CA ALA A 116 5.83 19.17 -1.62
C ALA A 116 7.17 18.85 -2.30
N TYR A 117 8.21 18.65 -1.51
CA TYR A 117 9.58 18.31 -2.00
C TYR A 117 9.84 16.79 -2.03
N LEU A 118 8.82 15.93 -1.91
CA LEU A 118 9.02 14.45 -1.82
C LEU A 118 8.42 13.74 -3.03
N ALA A 119 9.14 12.74 -3.55
CA ALA A 119 8.71 11.84 -4.65
C ALA A 119 7.35 11.20 -4.31
N ASP A 120 7.22 10.68 -3.07
CA ASP A 120 5.99 10.03 -2.53
C ASP A 120 5.35 9.10 -3.57
N PRO A 121 6.07 8.05 -4.06
CA PRO A 121 5.43 7.03 -4.91
C PRO A 121 4.31 6.25 -4.21
N LEU A 122 3.19 6.02 -4.91
CA LEU A 122 2.02 5.30 -4.35
C LEU A 122 2.25 3.79 -4.39
N GLY A 123 2.28 3.16 -3.23
CA GLY A 123 2.28 1.69 -3.07
C GLY A 123 0.87 1.13 -3.07
N VAL A 124 0.71 -0.16 -3.34
CA VAL A 124 -0.56 -0.92 -3.08
C VAL A 124 -0.22 -2.13 -2.19
N GLY A 125 -1.20 -2.53 -1.39
CA GLY A 125 -1.15 -3.69 -0.49
C GLY A 125 -2.53 -4.31 -0.36
N ALA A 126 -2.57 -5.56 0.11
CA ALA A 126 -3.83 -6.31 0.23
C ALA A 126 -3.91 -7.06 1.56
N ALA A 127 -5.04 -6.90 2.25
CA ALA A 127 -5.62 -7.89 3.17
C ALA A 127 -6.26 -8.96 2.28
N LEU A 128 -5.60 -10.11 2.17
CA LEU A 128 -5.97 -11.24 1.27
C LEU A 128 -6.50 -12.39 2.15
N ALA A 129 -7.81 -12.66 2.04
CA ALA A 129 -8.53 -13.65 2.87
C ALA A 129 -8.69 -14.93 2.05
N THR A 130 -8.52 -16.06 2.72
CA THR A 130 -8.76 -17.41 2.14
C THR A 130 -10.23 -17.80 2.34
N ALA A 131 -10.64 -18.87 1.66
CA ALA A 131 -11.99 -19.47 1.74
C ALA A 131 -12.28 -19.94 3.19
N ASP A 132 -11.25 -20.36 3.95
CA ASP A 132 -11.40 -20.84 5.36
C ASP A 132 -11.14 -19.77 6.44
N ASP A 133 -11.24 -18.48 6.04
N ASP A 133 -11.21 -18.48 6.07
CA ASP A 133 -11.29 -17.27 6.91
CA ASP A 133 -11.30 -17.34 7.02
C ASP A 133 -9.95 -17.05 7.62
C ASP A 133 -9.93 -17.02 7.64
N PHE A 134 -8.85 -17.03 6.85
CA PHE A 134 -7.50 -16.57 7.29
C PHE A 134 -7.04 -15.40 6.43
N LEU A 135 -6.19 -14.50 6.93
CA LEU A 135 -5.39 -13.56 6.09
C LEU A 135 -3.98 -14.13 5.81
N VAL A 136 -3.41 -13.77 4.67
CA VAL A 136 -2.06 -14.20 4.21
C VAL A 136 -1.00 -13.17 4.60
N PHE A 137 0.11 -13.65 5.15
CA PHE A 137 1.32 -12.86 5.51
C PHE A 137 2.55 -13.51 4.88
N LEU A 138 3.59 -12.70 4.63
CA LEU A 138 4.87 -13.10 3.97
C LEU A 138 6.06 -12.61 4.80
N ARG A 139 7.14 -13.37 4.85
CA ARG A 139 8.35 -12.96 5.61
C ARG A 139 9.33 -12.33 4.64
N ARG A 140 9.79 -11.12 4.94
CA ARG A 140 10.74 -10.39 4.04
C ARG A 140 12.15 -10.93 4.26
N SER A 141 12.88 -11.15 3.16
CA SER A 141 14.33 -11.43 3.13
C SER A 141 15.07 -10.53 4.14
N ARG A 142 16.14 -11.04 4.76
CA ARG A 142 16.99 -10.27 5.71
C ARG A 142 18.08 -9.53 4.95
N GLN A 143 18.12 -9.66 3.61
CA GLN A 143 19.22 -9.14 2.75
C GLN A 143 18.71 -8.04 1.80
N VAL A 144 17.47 -7.57 1.93
CA VAL A 144 16.97 -6.38 1.15
C VAL A 144 17.09 -5.15 2.05
N ALA A 145 16.96 -3.97 1.45
CA ALA A 145 17.28 -2.65 2.05
C ALA A 145 16.14 -2.16 2.94
N GLU A 146 14.92 -2.22 2.43
CA GLU A 146 13.68 -1.72 3.10
C GLU A 146 13.17 -2.81 4.04
N ALA A 147 13.01 -2.50 5.31
CA ALA A 147 12.34 -3.35 6.33
C ALA A 147 12.79 -4.81 6.22
N PRO A 148 14.12 -5.09 6.21
CA PRO A 148 14.65 -6.45 6.20
C PRO A 148 14.14 -7.37 7.33
N GLY A 149 13.85 -8.63 6.99
CA GLY A 149 13.41 -9.66 7.95
C GLY A 149 12.05 -9.42 8.62
N LEU A 150 11.29 -8.40 8.21
CA LEU A 150 9.98 -8.05 8.84
C LEU A 150 8.84 -8.78 8.12
N VAL A 151 7.66 -8.85 8.75
CA VAL A 151 6.43 -9.44 8.16
C VAL A 151 5.75 -8.41 7.25
N ASP A 152 5.16 -8.89 6.15
CA ASP A 152 4.50 -8.05 5.11
C ASP A 152 3.22 -8.73 4.58
N VAL A 153 2.44 -8.01 3.79
CA VAL A 153 1.23 -8.51 3.09
C VAL A 153 1.57 -8.39 1.61
N PRO A 154 0.86 -9.09 0.69
CA PRO A 154 1.17 -8.98 -0.74
C PRO A 154 1.04 -7.51 -1.14
N GLY A 155 1.85 -7.07 -2.08
CA GLY A 155 1.61 -5.77 -2.72
C GLY A 155 2.79 -5.35 -3.57
N GLY A 156 2.87 -4.06 -3.87
CA GLY A 156 3.94 -3.51 -4.73
C GLY A 156 3.85 -2.01 -4.88
N HIS A 157 4.52 -1.50 -5.93
CA HIS A 157 4.65 -0.08 -6.34
C HIS A 157 4.41 -0.02 -7.84
N PRO A 158 3.13 0.00 -8.32
CA PRO A 158 2.83 -0.10 -9.75
C PRO A 158 3.48 0.97 -10.64
N GLU A 159 3.70 0.61 -11.92
CA GLU A 159 4.35 1.46 -12.96
C GLU A 159 3.31 1.90 -13.99
N PRO A 160 3.25 3.20 -14.30
CA PRO A 160 2.47 3.71 -15.43
C PRO A 160 2.72 3.11 -16.84
N GLN A 161 1.66 3.13 -17.68
CA GLN A 161 1.56 2.66 -19.10
C GLN A 161 1.98 1.19 -19.18
N ASP A 173 -11.53 12.34 -15.97
CA ASP A 173 -11.46 10.91 -15.58
C ASP A 173 -11.20 10.04 -16.83
N LEU A 174 -10.74 10.63 -17.95
CA LEU A 174 -10.73 9.93 -19.27
C LEU A 174 -9.47 9.06 -19.40
N ALA A 175 -8.27 9.60 -19.19
CA ALA A 175 -7.07 8.79 -18.82
C ALA A 175 -7.19 8.31 -17.35
N GLY A 176 -7.78 9.15 -16.47
CA GLY A 176 -8.08 8.88 -15.05
C GLY A 176 -8.68 7.50 -14.79
N GLN A 177 -9.64 7.07 -15.61
CA GLN A 177 -10.29 5.74 -15.48
C GLN A 177 -9.27 4.64 -15.78
N LEU A 178 -8.41 4.83 -16.78
CA LEU A 178 -7.33 3.88 -17.12
C LEU A 178 -6.40 3.74 -15.92
N VAL A 179 -6.07 4.88 -15.29
CA VAL A 179 -5.19 4.91 -14.10
C VAL A 179 -5.83 4.07 -12.98
N VAL A 180 -7.08 4.34 -12.61
CA VAL A 180 -7.78 3.58 -11.53
C VAL A 180 -7.76 2.07 -11.88
N HIS A 181 -7.98 1.72 -13.14
CA HIS A 181 -7.99 0.31 -13.60
C HIS A 181 -6.61 -0.33 -13.39
N GLU A 182 -5.54 0.40 -13.69
N GLU A 182 -5.55 0.43 -13.70
CA GLU A 182 -4.13 -0.09 -13.58
CA GLU A 182 -4.12 0.01 -13.60
C GLU A 182 -3.77 -0.26 -12.10
C GLU A 182 -3.77 -0.23 -12.12
N LEU A 183 -4.31 0.58 -11.20
CA LEU A 183 -4.10 0.42 -9.72
C LEU A 183 -4.78 -0.87 -9.21
N PHE A 184 -6.04 -1.14 -9.58
CA PHE A 184 -6.79 -2.34 -9.11
C PHE A 184 -6.16 -3.61 -9.72
N SER A 185 -5.94 -3.58 -11.05
N SER A 185 -5.89 -3.60 -11.03
CA SER A 185 -5.23 -4.64 -11.81
CA SER A 185 -5.30 -4.77 -11.73
C SER A 185 -3.96 -5.05 -11.06
C SER A 185 -3.88 -5.05 -11.19
N SER A 186 -3.17 -4.05 -10.65
CA SER A 186 -1.79 -4.27 -10.16
C SER A 186 -1.78 -4.98 -8.81
N VAL A 187 -2.77 -4.79 -7.94
CA VAL A 187 -2.82 -5.52 -6.64
C VAL A 187 -3.04 -7.02 -6.95
N LEU A 188 -3.91 -7.37 -7.91
CA LEU A 188 -4.15 -8.77 -8.34
C LEU A 188 -2.87 -9.36 -8.94
N GLN A 189 -2.21 -8.58 -9.80
CA GLN A 189 -0.98 -9.01 -10.49
C GLN A 189 0.09 -9.31 -9.44
N GLU A 190 0.25 -8.49 -8.39
CA GLU A 190 1.28 -8.70 -7.34
C GLU A 190 0.98 -10.01 -6.59
N ILE A 191 -0.29 -10.30 -6.36
CA ILE A 191 -0.75 -11.55 -5.68
C ILE A 191 -0.38 -12.75 -6.58
N CYS A 192 -0.66 -12.70 -7.88
CA CYS A 192 -0.29 -13.79 -8.86
C CYS A 192 1.22 -13.98 -8.96
N ASP A 193 2.03 -12.91 -9.01
CA ASP A 193 3.52 -13.01 -9.12
C ASP A 193 4.15 -13.55 -7.83
N GLU A 194 3.72 -13.09 -6.66
CA GLU A 194 4.45 -13.36 -5.39
C GLU A 194 3.84 -14.60 -4.71
N VAL A 195 2.50 -14.71 -4.62
CA VAL A 195 1.81 -15.81 -3.88
C VAL A 195 1.60 -16.99 -4.85
N ASN A 196 1.69 -16.74 -6.16
CA ASN A 196 1.68 -17.85 -7.15
C ASN A 196 0.27 -18.44 -7.28
N LEU A 197 -0.79 -17.65 -7.05
CA LEU A 197 -2.21 -18.08 -7.15
C LEU A 197 -2.69 -17.84 -8.58
N PRO A 198 -3.64 -18.62 -9.13
CA PRO A 198 -4.28 -18.28 -10.40
C PRO A 198 -5.22 -17.09 -10.22
N LEU A 199 -5.16 -16.18 -11.21
CA LEU A 199 -5.96 -14.94 -11.26
C LEU A 199 -7.42 -15.29 -11.00
N LEU A 200 -7.92 -16.42 -11.52
CA LEU A 200 -9.38 -16.73 -11.46
C LEU A 200 -9.82 -17.16 -10.06
N THR A 201 -8.91 -17.35 -9.09
CA THR A 201 -9.30 -17.65 -7.69
C THR A 201 -9.53 -16.35 -6.90
N LEU A 202 -9.38 -15.18 -7.55
CA LEU A 202 -9.36 -13.85 -6.88
C LEU A 202 -10.61 -13.02 -7.19
N SER A 203 -11.20 -12.39 -6.16
CA SER A 203 -12.33 -11.43 -6.25
C SER A 203 -11.84 -10.11 -6.84
N GLN A 204 -12.74 -9.28 -7.38
CA GLN A 204 -12.38 -7.89 -7.75
C GLN A 204 -12.01 -7.19 -6.43
N PRO A 205 -10.90 -6.42 -6.39
CA PRO A 205 -10.52 -5.72 -5.17
C PRO A 205 -11.51 -4.61 -4.79
N LEU A 206 -11.65 -4.41 -3.48
CA LEU A 206 -12.27 -3.23 -2.85
C LEU A 206 -11.15 -2.39 -2.20
N LEU A 207 -11.20 -1.06 -2.35
CA LEU A 207 -10.27 -0.12 -1.66
C LEU A 207 -10.76 0.13 -0.23
N LEU A 208 -9.96 -0.24 0.78
CA LEU A 208 -10.31 -0.05 2.21
C LEU A 208 -9.96 1.37 2.62
N GLY A 209 -8.86 1.91 2.08
CA GLY A 209 -8.36 3.23 2.48
C GLY A 209 -6.95 3.51 2.00
N ILE A 210 -6.32 4.54 2.58
CA ILE A 210 -4.92 4.91 2.26
C ILE A 210 -4.17 5.17 3.56
N ALA A 211 -2.96 4.61 3.67
CA ALA A 211 -2.08 4.71 4.85
C ALA A 211 -0.73 5.28 4.42
N ARG A 212 -0.11 6.00 5.35
CA ARG A 212 1.16 6.76 5.16
C ARG A 212 2.24 6.16 6.07
N ASN A 213 3.45 5.95 5.54
CA ASN A 213 4.61 5.37 6.25
C ASN A 213 5.50 6.51 6.75
N GLU A 214 5.45 6.81 8.05
CA GLU A 214 6.17 7.98 8.66
C GLU A 214 7.66 7.68 8.82
N THR A 215 8.07 6.43 8.69
CA THR A 215 9.52 6.02 8.70
C THR A 215 10.09 6.24 7.30
N SER A 216 9.24 6.34 6.27
CA SER A 216 9.65 6.61 4.88
C SER A 216 9.16 7.99 4.43
N ALA A 217 9.16 8.96 5.37
CA ALA A 217 8.88 10.42 5.17
C ALA A 217 7.43 10.60 4.71
N GLY A 218 6.54 9.70 5.13
CA GLY A 218 5.10 9.82 4.89
C GLY A 218 4.61 9.37 3.52
N ARG A 219 5.34 8.50 2.80
CA ARG A 219 4.81 8.00 1.49
C ARG A 219 3.67 7.00 1.75
N ALA A 220 2.71 7.01 0.81
CA ALA A 220 1.36 6.47 0.98
C ALA A 220 1.26 5.16 0.21
N SER A 221 0.39 4.29 0.70
CA SER A 221 0.00 3.00 0.10
C SER A 221 -1.52 2.89 0.12
N ALA A 222 -2.12 2.64 -1.03
CA ALA A 222 -3.53 2.21 -1.17
C ALA A 222 -3.67 0.77 -0.66
N GLU A 223 -4.54 0.54 0.31
CA GLU A 223 -4.76 -0.79 0.92
C GLU A 223 -6.11 -1.33 0.45
N PHE A 224 -6.11 -2.55 -0.09
CA PHE A 224 -7.27 -3.23 -0.73
C PHE A 224 -7.68 -4.48 0.05
N TYR A 225 -8.94 -4.90 -0.12
CA TYR A 225 -9.43 -6.23 0.34
C TYR A 225 -9.65 -7.15 -0.86
N VAL A 226 -8.99 -8.32 -0.87
CA VAL A 226 -9.23 -9.38 -1.89
C VAL A 226 -9.58 -10.70 -1.21
N GLN A 227 -10.63 -11.37 -1.69
N GLN A 227 -10.65 -11.35 -1.69
CA GLN A 227 -11.04 -12.73 -1.25
CA GLN A 227 -11.07 -12.72 -1.30
C GLN A 227 -10.56 -13.74 -2.31
C GLN A 227 -10.51 -13.72 -2.33
N CYS A 228 -9.97 -14.84 -1.85
CA CYS A 228 -9.50 -15.98 -2.68
C CYS A 228 -10.42 -17.19 -2.40
N SER A 229 -10.78 -17.97 -3.44
CA SER A 229 -11.66 -19.16 -3.36
C SER A 229 -10.90 -20.40 -2.84
N LEU A 230 -9.56 -20.37 -2.77
CA LEU A 230 -8.73 -21.45 -2.18
C LEU A 230 -8.70 -21.35 -0.65
N THR A 231 -8.56 -22.49 0.02
CA THR A 231 -8.33 -22.57 1.49
C THR A 231 -6.88 -22.16 1.75
N SER A 232 -6.50 -21.89 2.99
CA SER A 232 -5.09 -21.57 3.37
C SER A 232 -4.14 -22.68 2.91
N GLU A 233 -4.54 -23.94 3.13
CA GLU A 233 -3.72 -25.13 2.81
C GLU A 233 -3.38 -25.10 1.32
N GLN A 234 -4.36 -24.86 0.45
CA GLN A 234 -4.14 -24.79 -1.02
C GLN A 234 -3.26 -23.59 -1.40
N VAL A 235 -3.37 -22.45 -0.69
CA VAL A 235 -2.60 -21.21 -0.98
C VAL A 235 -1.12 -21.51 -0.68
N ARG A 236 -0.86 -22.15 0.46
CA ARG A 236 0.52 -22.56 0.88
C ARG A 236 1.13 -23.49 -0.19
N LYS A 237 0.35 -24.46 -0.68
CA LYS A 237 0.79 -25.43 -1.72
C LYS A 237 1.20 -24.66 -2.99
N HIS A 238 0.36 -23.72 -3.44
CA HIS A 238 0.63 -22.89 -4.64
C HIS A 238 1.90 -22.08 -4.39
N TYR A 239 1.98 -21.31 -3.30
CA TYR A 239 3.17 -20.50 -2.92
C TYR A 239 4.43 -21.36 -3.04
N LEU A 240 4.52 -22.44 -2.25
CA LEU A 240 5.75 -23.27 -2.10
C LEU A 240 6.09 -23.98 -3.42
N SER A 241 5.10 -24.38 -4.21
CA SER A 241 5.30 -25.14 -5.48
C SER A 241 6.03 -24.27 -6.51
N GLY A 242 6.08 -22.97 -6.30
CA GLY A 242 6.91 -22.05 -7.13
C GLY A 242 8.39 -22.29 -6.94
N GLY A 243 8.83 -22.69 -5.74
CA GLY A 243 10.25 -22.83 -5.38
C GLY A 243 10.85 -21.50 -4.91
N PRO A 244 12.09 -21.49 -4.35
CA PRO A 244 12.73 -20.24 -3.92
C PRO A 244 12.83 -19.10 -4.96
N GLU A 245 12.91 -19.40 -6.26
CA GLU A 245 13.02 -18.35 -7.33
C GLU A 245 11.66 -17.74 -7.72
N ALA A 246 10.53 -18.31 -7.29
CA ALA A 246 9.19 -17.88 -7.73
C ALA A 246 8.65 -16.71 -6.87
N HIS A 247 9.36 -16.35 -5.81
CA HIS A 247 8.92 -15.29 -4.87
C HIS A 247 10.14 -14.62 -4.25
N GLU A 248 10.01 -13.36 -3.85
CA GLU A 248 11.06 -12.55 -3.17
C GLU A 248 10.99 -12.82 -1.66
N SER A 249 9.80 -13.16 -1.13
CA SER A 249 9.61 -13.52 0.30
C SER A 249 10.33 -14.86 0.57
N THR A 250 10.67 -15.12 1.84
CA THR A 250 11.36 -16.35 2.32
C THR A 250 10.40 -17.26 3.10
N GLY A 251 9.12 -16.89 3.27
CA GLY A 251 8.09 -17.79 3.84
C GLY A 251 6.68 -17.21 3.74
N ILE A 252 5.64 -18.03 3.94
CA ILE A 252 4.20 -17.62 4.00
C ILE A 252 3.59 -18.20 5.27
N PHE A 253 2.58 -17.54 5.84
CA PHE A 253 1.85 -18.01 7.04
C PHE A 253 0.50 -17.27 7.12
N PHE A 254 -0.38 -17.72 8.01
CA PHE A 254 -1.83 -17.39 8.01
C PHE A 254 -2.28 -17.14 9.46
N VAL A 255 -3.12 -16.11 9.67
CA VAL A 255 -3.79 -15.80 10.96
C VAL A 255 -5.30 -15.81 10.73
N GLU A 256 -6.03 -16.48 11.62
CA GLU A 256 -7.51 -16.47 11.57
C GLU A 256 -7.97 -15.01 11.60
N THR A 257 -9.01 -14.70 10.85
CA THR A 257 -9.62 -13.35 10.84
C THR A 257 -10.06 -13.06 12.27
N GLN A 258 -10.63 -14.06 12.95
CA GLN A 258 -10.96 -13.98 14.40
C GLN A 258 -9.82 -13.32 15.17
N ASN A 259 -8.59 -13.73 14.89
CA ASN A 259 -7.39 -13.34 15.67
C ASN A 259 -6.78 -12.01 15.17
N VAL A 260 -7.20 -11.46 14.01
CA VAL A 260 -6.62 -10.22 13.40
C VAL A 260 -7.12 -9.00 14.20
N ARG A 261 -8.35 -9.07 14.65
CA ARG A 261 -9.03 -8.08 15.54
C ARG A 261 -8.06 -7.57 16.63
N ARG A 262 -7.24 -8.43 17.24
CA ARG A 262 -6.44 -8.08 18.43
C ARG A 262 -4.95 -8.13 18.07
N LEU A 263 -4.60 -8.19 16.78
CA LEU A 263 -3.19 -8.40 16.36
C LEU A 263 -2.26 -7.33 16.93
N PRO A 264 -2.70 -6.05 17.08
CA PRO A 264 -1.87 -5.00 17.66
C PRO A 264 -1.49 -5.24 19.12
N GLU A 265 -2.08 -6.23 19.80
CA GLU A 265 -1.73 -6.60 21.20
C GLU A 265 -0.83 -7.85 21.27
N THR A 266 -0.50 -8.47 20.12
CA THR A 266 0.35 -9.66 19.99
C THR A 266 1.79 -9.22 19.76
N GLU A 267 2.75 -10.13 20.02
CA GLU A 267 4.19 -9.93 19.69
C GLU A 267 4.41 -9.89 18.16
N MET A 268 3.45 -10.32 17.33
CA MET A 268 3.58 -10.22 15.85
C MET A 268 3.67 -8.72 15.44
N TRP A 269 2.98 -7.84 16.18
CA TRP A 269 2.83 -6.40 15.80
C TRP A 269 4.20 -5.74 15.64
N ALA A 270 5.12 -5.97 16.58
CA ALA A 270 6.49 -5.42 16.55
C ALA A 270 7.26 -5.89 15.32
N GLU A 271 6.78 -6.88 14.57
CA GLU A 271 7.54 -7.48 13.43
C GLU A 271 6.93 -7.11 12.08
N LEU A 272 5.76 -6.45 12.09
CA LEU A 272 5.02 -5.98 10.89
C LEU A 272 5.65 -4.69 10.40
N CYS A 273 6.01 -4.61 9.12
CA CYS A 273 6.47 -3.35 8.48
C CYS A 273 5.28 -2.39 8.42
N PRO A 274 5.55 -1.06 8.39
CA PRO A 274 4.50 -0.04 8.52
C PRO A 274 3.33 -0.13 7.51
N SER A 275 3.59 -0.44 6.26
CA SER A 275 2.52 -0.52 5.25
C SER A 275 1.61 -1.73 5.52
N ALA A 276 2.13 -2.83 6.03
CA ALA A 276 1.31 -4.00 6.37
C ALA A 276 0.48 -3.66 7.62
N LYS A 277 1.03 -2.86 8.54
CA LYS A 277 0.27 -2.36 9.72
C LYS A 277 -0.97 -1.58 9.26
N GLY A 278 -0.82 -0.76 8.21
CA GLY A 278 -1.89 0.05 7.63
C GLY A 278 -3.00 -0.81 7.06
N ALA A 279 -2.59 -1.87 6.34
CA ALA A 279 -3.49 -2.87 5.75
C ALA A 279 -4.29 -3.57 6.87
N ILE A 280 -3.66 -3.92 7.99
CA ILE A 280 -4.39 -4.65 9.06
C ILE A 280 -5.34 -3.69 9.77
N ILE A 281 -4.89 -2.48 10.08
CA ILE A 281 -5.73 -1.47 10.78
C ILE A 281 -6.96 -1.18 9.89
N LEU A 282 -6.76 -0.91 8.61
CA LEU A 282 -7.89 -0.60 7.71
C LEU A 282 -8.79 -1.84 7.53
N TYR A 283 -8.26 -3.06 7.48
CA TYR A 283 -9.10 -4.29 7.40
C TYR A 283 -10.01 -4.31 8.64
N ASN A 284 -9.42 -4.17 9.83
CA ASN A 284 -10.12 -4.11 11.13
C ASN A 284 -11.19 -3.00 11.10
N ARG A 285 -10.95 -1.81 10.56
CA ARG A 285 -11.96 -0.71 10.66
C ARG A 285 -13.06 -0.83 9.58
N VAL A 286 -12.75 -1.31 8.39
CA VAL A 286 -13.67 -1.21 7.24
C VAL A 286 -14.37 -2.54 7.01
N GLN A 287 -13.66 -3.67 7.14
CA GLN A 287 -14.21 -5.03 6.89
C GLN A 287 -14.65 -5.65 8.23
N GLY A 288 -13.84 -5.54 9.28
CA GLY A 288 -14.30 -5.89 10.64
C GLY A 288 -15.33 -4.86 11.12
N SER A 289 -15.47 -4.72 12.45
CA SER A 289 -16.26 -3.67 13.14
C SER A 289 -17.71 -3.67 12.66
N PRO A 290 -18.52 -4.68 13.07
CA PRO A 290 -19.90 -4.78 12.61
C PRO A 290 -20.80 -3.66 13.17
N THR A 291 -21.69 -3.14 12.32
CA THR A 291 -22.63 -2.02 12.62
C THR A 291 -24.01 -2.61 12.96
N GLY A 292 -24.33 -3.83 12.52
CA GLY A 292 -25.68 -4.43 12.66
C GLY A 292 -25.86 -5.15 13.98
N ALA A 293 -27.11 -5.29 14.45
CA ALA A 293 -27.50 -5.98 15.69
C ALA A 293 -26.96 -7.43 15.67
N ALA A 294 -27.09 -8.12 14.53
CA ALA A 294 -26.71 -9.55 14.31
C ALA A 294 -25.21 -9.78 14.60
N LEU A 295 -24.31 -9.14 13.83
CA LEU A 295 -22.82 -9.27 13.98
C LEU A 295 -22.33 -8.44 15.19
N GLY A 296 -23.15 -7.53 15.72
CA GLY A 296 -22.88 -6.74 16.94
C GLY A 296 -23.10 -7.54 18.23
N SER A 297 -23.93 -8.59 18.22
CA SER A 297 -24.38 -9.37 19.41
C SER A 297 -23.21 -9.96 20.19
N PRO A 298 -23.17 -9.83 21.54
CA PRO A 298 -22.05 -10.26 22.40
C PRO A 298 -21.34 -11.62 22.13
N ALA A 299 -22.10 -12.63 21.67
CA ALA A 299 -21.61 -14.01 21.41
C ALA A 299 -20.82 -14.08 20.09
N LEU A 300 -21.21 -13.24 19.09
CA LEU A 300 -20.54 -13.12 17.77
C LEU A 300 -19.43 -12.06 17.81
N LEU A 301 -19.53 -11.04 18.67
CA LEU A 301 -18.48 -9.99 18.84
C LEU A 301 -18.15 -9.86 20.33
N PRO A 302 -17.31 -10.76 20.88
CA PRO A 302 -16.95 -10.75 22.30
C PRO A 302 -16.23 -9.49 22.81
N PRO A 303 -16.68 -8.89 23.95
CA PRO A 303 -16.05 -7.69 24.54
C PRO A 303 -14.57 -7.79 25.03
N LEU A 304 -13.80 -6.71 24.83
CA LEU A 304 -12.38 -6.54 25.25
C LEU A 304 -11.47 -7.32 24.28
O3 6SU B . 12.27 7.96 -16.39
C4 6SU B . 7.56 9.92 -17.08
C5 6SU B . 8.33 8.77 -17.15
C6 6SU B . 9.16 8.44 -16.09
C7 6SU B . 9.20 9.23 -14.96
C8 6SU B . 11.94 5.42 -16.19
S 6SU B . 11.47 7.02 -15.67
O2 6SU B . 11.46 7.07 -14.25
N 6SU B . 9.93 7.25 -16.16
C3 6SU B . 7.60 10.72 -15.95
C2 6SU B . 8.43 10.38 -14.89
C1 6SU B . 8.48 11.25 -13.68
O1 6SU B . 7.72 12.16 -13.48
O 6SU B . 9.50 10.94 -12.87
C 6SU B . 9.92 11.97 -11.93
S DMS C . 17.13 -14.59 4.10
O DMS C . 16.98 -16.01 3.61
C1 DMS C . 16.61 -14.62 5.79
C2 DMS C . 18.87 -14.35 4.37
S DMS D . -10.42 -11.33 -11.44
O DMS D . -10.43 -12.80 -11.75
C1 DMS D . -9.29 -11.15 -10.08
C2 DMS D . -9.46 -10.53 -12.70
S DMS E . 6.33 31.47 2.13
O DMS E . 5.24 32.46 2.37
C1 DMS E . 5.98 30.78 0.54
C2 DMS E . 7.78 32.39 1.71
S DMS F . 3.01 -3.73 1.71
O DMS F . 4.06 -2.75 1.24
C1 DMS F . 1.47 -2.80 1.73
C2 DMS F . 2.68 -4.76 0.32
#